data_3PVG
#
_entry.id   3PVG
#
_cell.length_a   142.876
_cell.length_b   60.041
_cell.length_c   45.046
_cell.angle_alpha   90.000
_cell.angle_beta   103.210
_cell.angle_gamma   90.000
#
_symmetry.space_group_name_H-M   'C 1 2 1'
#
loop_
_entity.id
_entity.type
_entity.pdbx_description
1 polymer 'Casein kinase II subunit alpha'
2 non-polymer '(4,5,6,7-tetrabromo-1H-benzimidazol-1-yl)acetic acid'
3 water water
#
_entity_poly.entity_id   1
_entity_poly.type   'polypeptide(L)'
_entity_poly.pdbx_seq_one_letter_code
;SKARVYADVNVLRPKEYWDYEALTVQWGEQDDYEVVRKVGRGKYSEVFEGINVNNNEKCIIKILKPVKKKKIKREIKILQ
NL(CSO)GGPNIVKLLDIVRDQHSKTPSLIFEYVNNTDFKVLYPTLTDYDIRYYIYELLKALDYCHSQGIMHRDVKPHNV
MIDHELRKLRLIDWGLAEFYHPGKEYNVRVASRYFKGPELLVDLQDYDYSLDMWSLGCMFAGMIFRKEPFFYGHDNHDQL
VKIAKVLGTDGLNVYLNKYRIELDPQLEALVGRHSRKPWLKFMNADNQHLVSPEAIDFLDKLLRYDHQERLTALEAMTHP
YFQQVRAAENSRTRA
;
_entity_poly.pdbx_strand_id   A
#
# COMPACT_ATOMS: atom_id res chain seq x y z
N SER A 1 -11.18 6.21 -17.56
CA SER A 1 -10.46 6.92 -16.45
C SER A 1 -8.94 7.01 -16.67
N LYS A 2 -8.29 8.13 -16.24
CA LYS A 2 -6.83 8.33 -16.32
C LYS A 2 -6.44 8.91 -14.95
N ALA A 3 -5.22 8.64 -14.55
CA ALA A 3 -4.60 9.30 -13.39
C ALA A 3 -4.59 10.82 -13.64
N ARG A 4 -4.83 11.57 -12.59
CA ARG A 4 -4.76 13.05 -12.72
C ARG A 4 -3.33 13.57 -12.58
N VAL A 5 -2.37 12.76 -12.06
CA VAL A 5 -0.94 13.12 -11.94
C VAL A 5 -0.16 11.91 -12.44
N TYR A 6 1.04 12.24 -12.88
CA TYR A 6 2.04 11.22 -13.28
C TYR A 6 1.51 10.26 -14.31
N ALA A 7 0.55 10.67 -15.17
CA ALA A 7 -0.01 9.75 -16.15
C ALA A 7 0.97 9.41 -17.22
N ASP A 8 1.87 10.35 -17.54
CA ASP A 8 2.80 10.13 -18.65
C ASP A 8 4.19 9.62 -18.26
N VAL A 9 4.34 9.16 -17.01
CA VAL A 9 5.72 8.80 -16.62
C VAL A 9 6.28 7.69 -17.50
N ASN A 10 5.51 6.62 -17.67
CA ASN A 10 6.01 5.50 -18.54
C ASN A 10 5.97 5.82 -19.99
N VAL A 11 5.12 6.75 -20.40
CA VAL A 11 5.08 7.17 -21.83
C VAL A 11 6.41 7.85 -22.20
N LEU A 12 6.94 8.65 -21.31
CA LEU A 12 8.13 9.37 -21.61
C LEU A 12 9.38 8.56 -21.41
N ARG A 13 9.38 7.57 -20.51
CA ARG A 13 10.61 6.84 -20.17
C ARG A 13 10.94 5.82 -21.25
N PRO A 14 12.23 5.43 -21.33
CA PRO A 14 12.61 4.37 -22.27
C PRO A 14 11.81 3.10 -21.99
N LYS A 15 11.50 2.39 -23.06
CA LYS A 15 10.68 1.23 -22.97
C LYS A 15 11.28 0.24 -21.98
N GLU A 16 12.61 0.21 -21.87
CA GLU A 16 13.26 -0.69 -20.91
C GLU A 16 12.96 -0.45 -19.42
N TYR A 17 12.65 0.78 -19.11
CA TYR A 17 12.25 1.12 -17.71
C TYR A 17 11.07 0.28 -17.29
N TRP A 18 10.02 0.18 -18.12
CA TRP A 18 8.77 -0.45 -17.74
C TRP A 18 8.53 -1.81 -18.37
N ASP A 19 9.30 -2.16 -19.40
CA ASP A 19 9.12 -3.47 -20.01
C ASP A 19 9.86 -4.51 -19.17
N TYR A 20 9.24 -4.90 -18.05
CA TYR A 20 9.91 -5.81 -17.09
C TYR A 20 10.10 -7.23 -17.62
N GLU A 21 9.31 -7.63 -18.61
CA GLU A 21 9.52 -8.97 -19.23
C GLU A 21 10.81 -9.09 -19.96
N ALA A 22 11.37 -7.97 -20.41
CA ALA A 22 12.70 -7.94 -21.13
C ALA A 22 13.89 -8.00 -20.15
N LEU A 23 13.65 -8.01 -18.81
CA LEU A 23 14.71 -7.96 -17.78
C LEU A 23 15.55 -9.24 -17.86
N THR A 24 16.87 -9.12 -17.78
CA THR A 24 17.76 -10.29 -17.63
C THR A 24 18.36 -10.26 -16.24
N VAL A 25 17.94 -11.21 -15.42
CA VAL A 25 18.30 -11.15 -13.99
C VAL A 25 19.77 -11.47 -13.82
N GLN A 26 20.45 -10.67 -13.01
CA GLN A 26 21.87 -10.90 -12.79
C GLN A 26 22.09 -11.54 -11.41
N TRP A 27 22.24 -12.85 -11.35
CA TRP A 27 22.23 -13.60 -10.07
C TRP A 27 23.52 -13.40 -9.30
N GLY A 28 23.41 -13.11 -8.03
CA GLY A 28 24.50 -13.09 -7.12
C GLY A 28 24.90 -14.47 -6.62
N GLU A 29 25.64 -14.46 -5.52
CA GLU A 29 26.12 -15.67 -4.97
C GLU A 29 25.27 -16.01 -3.76
N GLN A 30 24.51 -17.11 -3.85
CA GLN A 30 23.74 -17.59 -2.73
C GLN A 30 24.51 -17.79 -1.42
N ASP A 31 25.73 -18.26 -1.49
CA ASP A 31 26.50 -18.43 -0.25
C ASP A 31 26.95 -17.16 0.44
N ASP A 32 26.67 -15.97 -0.14
CA ASP A 32 27.04 -14.77 0.53
C ASP A 32 26.07 -14.49 1.70
N TYR A 33 24.92 -15.17 1.73
CA TYR A 33 23.81 -14.80 2.64
C TYR A 33 23.33 -16.01 3.42
N GLU A 34 23.29 -15.92 4.74
CA GLU A 34 22.88 -17.06 5.51
C GLU A 34 21.66 -16.65 6.34
N VAL A 35 20.72 -17.57 6.45
CA VAL A 35 19.50 -17.34 7.25
C VAL A 35 19.85 -17.41 8.75
N VAL A 36 19.30 -16.47 9.51
CA VAL A 36 19.50 -16.43 10.96
C VAL A 36 18.19 -16.84 11.66
N ARG A 37 17.05 -16.26 11.27
CA ARG A 37 15.77 -16.65 11.87
C ARG A 37 14.62 -16.16 10.98
N LYS A 38 13.55 -16.97 10.97
CA LYS A 38 12.34 -16.59 10.26
C LYS A 38 11.60 -15.39 10.92
N VAL A 39 11.16 -14.41 10.12
CA VAL A 39 10.46 -13.24 10.66
C VAL A 39 9.10 -12.99 10.02
N GLY A 40 8.80 -13.66 8.91
CA GLY A 40 7.47 -13.39 8.30
C GLY A 40 7.17 -14.45 7.27
N ARG A 41 5.91 -14.44 6.79
CA ARG A 41 5.49 -15.36 5.77
C ARG A 41 4.20 -14.88 5.20
N GLY A 42 4.00 -15.32 3.98
CA GLY A 42 2.74 -15.06 3.34
C GLY A 42 2.58 -16.00 2.22
N LYS A 43 1.53 -15.73 1.44
CA LYS A 43 1.13 -16.62 0.38
C LYS A 43 2.22 -16.84 -0.65
N TYR A 44 3.06 -15.82 -0.82
CA TYR A 44 4.09 -15.81 -1.93
C TYR A 44 5.51 -15.86 -1.45
N SER A 45 5.77 -15.81 -0.13
CA SER A 45 7.17 -15.80 0.31
C SER A 45 7.30 -16.18 1.76
N GLU A 46 8.50 -16.60 2.16
CA GLU A 46 8.87 -16.65 3.57
C GLU A 46 10.04 -15.66 3.75
N VAL A 47 10.07 -15.04 4.89
CA VAL A 47 10.97 -13.95 5.11
C VAL A 47 11.82 -14.24 6.32
N PHE A 48 13.13 -13.95 6.20
CA PHE A 48 14.06 -14.27 7.28
C PHE A 48 14.99 -13.09 7.50
N GLU A 49 15.36 -12.90 8.78
CA GLU A 49 16.57 -12.11 9.04
C GLU A 49 17.77 -12.99 8.64
N GLY A 50 18.75 -12.37 7.99
CA GLY A 50 19.95 -13.06 7.55
C GLY A 50 21.16 -12.22 7.89
N ILE A 51 22.30 -12.79 7.54
CA ILE A 51 23.58 -12.14 7.63
C ILE A 51 24.28 -12.25 6.26
N ASN A 52 24.97 -11.16 5.85
CA ASN A 52 25.90 -11.19 4.74
C ASN A 52 27.22 -11.67 5.34
N VAL A 53 27.61 -12.86 4.96
CA VAL A 53 28.89 -13.45 5.54
C VAL A 53 30.19 -12.76 5.16
N ASN A 54 30.16 -11.93 4.13
CA ASN A 54 31.35 -11.13 3.75
C ASN A 54 31.57 -10.05 4.76
N ASN A 55 30.53 -9.28 5.05
CA ASN A 55 30.72 -8.11 5.90
C ASN A 55 30.00 -8.20 7.22
N ASN A 56 29.35 -9.34 7.51
CA ASN A 56 28.74 -9.55 8.80
C ASN A 56 27.59 -8.52 9.13
N GLU A 57 27.03 -7.95 8.09
CA GLU A 57 25.93 -7.03 8.16
C GLU A 57 24.61 -7.80 8.09
N LYS A 58 23.62 -7.39 8.86
CA LYS A 58 22.28 -7.94 8.73
C LYS A 58 21.64 -7.63 7.37
N CYS A 59 20.81 -8.55 6.94
CA CYS A 59 19.87 -8.34 5.83
C CYS A 59 18.57 -9.02 6.05
N ILE A 60 17.65 -8.82 5.09
CA ILE A 60 16.41 -9.56 5.07
C ILE A 60 16.50 -10.41 3.85
N ILE A 61 16.17 -11.70 4.04
CA ILE A 61 16.14 -12.64 2.95
C ILE A 61 14.73 -13.08 2.70
N LYS A 62 14.24 -12.80 1.48
CA LYS A 62 12.86 -13.18 1.10
C LYS A 62 12.94 -14.32 0.15
N ILE A 63 12.53 -15.48 0.63
CA ILE A 63 12.62 -16.68 -0.21
C ILE A 63 11.23 -16.82 -0.90
N LEU A 64 11.26 -16.83 -2.24
CA LEU A 64 9.98 -16.82 -2.98
C LEU A 64 9.43 -18.23 -3.16
N LYS A 65 8.11 -18.36 -2.94
CA LYS A 65 7.44 -19.58 -3.27
C LYS A 65 7.24 -19.63 -4.81
N PRO A 66 7.01 -20.81 -5.36
CA PRO A 66 6.98 -21.08 -6.80
C PRO A 66 6.16 -20.07 -7.54
N VAL A 67 6.74 -19.38 -8.50
CA VAL A 67 6.04 -18.25 -9.06
C VAL A 67 6.42 -18.22 -10.54
N LYS A 68 5.52 -17.64 -11.39
CA LYS A 68 5.84 -17.44 -12.84
C LYS A 68 6.96 -16.42 -13.08
N LYS A 69 7.70 -16.63 -14.14
CA LYS A 69 8.81 -15.85 -14.53
C LYS A 69 8.37 -14.38 -14.59
N LYS A 70 7.23 -14.13 -15.25
CA LYS A 70 6.73 -12.78 -15.43
C LYS A 70 6.59 -12.03 -14.11
N LYS A 71 5.97 -12.68 -13.12
CA LYS A 71 5.69 -12.05 -11.84
C LYS A 71 6.97 -11.71 -11.07
N ILE A 72 8.00 -12.60 -11.08
CA ILE A 72 9.26 -12.33 -10.41
C ILE A 72 10.02 -11.19 -11.07
N LYS A 73 10.00 -11.18 -12.40
CA LYS A 73 10.65 -10.08 -13.10
C LYS A 73 9.99 -8.73 -12.76
N ARG A 74 8.65 -8.74 -12.64
CA ARG A 74 7.90 -7.48 -12.36
C ARG A 74 8.37 -6.99 -11.02
N GLU A 75 8.44 -7.83 -9.98
CA GLU A 75 8.80 -7.32 -8.65
C GLU A 75 10.25 -6.84 -8.66
N ILE A 76 11.18 -7.60 -9.31
CA ILE A 76 12.56 -7.18 -9.36
C ILE A 76 12.80 -5.85 -10.09
N LYS A 77 12.09 -5.70 -11.21
CA LYS A 77 12.28 -4.48 -11.97
C LYS A 77 11.76 -3.29 -11.19
N ILE A 78 10.57 -3.45 -10.60
CA ILE A 78 10.02 -2.32 -9.82
C ILE A 78 10.96 -1.98 -8.61
N LEU A 79 11.46 -3.02 -7.92
CA LEU A 79 12.41 -2.74 -6.83
C LEU A 79 13.68 -2.02 -7.31
N GLN A 80 14.24 -2.44 -8.45
CA GLN A 80 15.44 -1.81 -9.04
C GLN A 80 15.16 -0.38 -9.38
N ASN A 81 13.99 -0.15 -9.95
CA ASN A 81 13.65 1.22 -10.39
C ASN A 81 13.46 2.14 -9.18
N LEU A 82 12.97 1.63 -8.07
CA LEU A 82 12.62 2.45 -6.94
C LEU A 82 13.75 2.54 -5.88
N GLY A 84 16.53 3.39 -3.46
CA GLY A 84 17.12 4.73 -3.20
C GLY A 84 16.09 5.79 -2.91
N GLY A 85 14.83 5.59 -3.34
CA GLY A 85 13.71 6.51 -3.03
C GLY A 85 13.40 6.56 -1.52
N PRO A 86 12.75 7.65 -1.02
CA PRO A 86 12.47 7.82 0.36
C PRO A 86 11.52 6.72 0.85
N ASN A 87 12.03 6.01 1.85
CA ASN A 87 11.32 5.05 2.66
C ASN A 87 10.92 3.84 1.84
N ILE A 88 11.58 3.65 0.73
CA ILE A 88 11.32 2.42 -0.07
C ILE A 88 12.39 1.35 0.38
N VAL A 89 11.89 0.13 0.67
CA VAL A 89 12.86 -0.97 0.96
C VAL A 89 13.89 -1.09 -0.17
N LYS A 90 15.15 -1.37 0.20
CA LYS A 90 16.27 -1.42 -0.74
C LYS A 90 16.66 -2.84 -1.12
N LEU A 91 16.39 -3.23 -2.35
CA LEU A 91 16.83 -4.51 -2.88
C LEU A 91 18.33 -4.45 -3.16
N LEU A 92 19.11 -5.32 -2.46
CA LEU A 92 20.56 -5.29 -2.61
C LEU A 92 21.12 -6.39 -3.49
N ASP A 93 20.43 -7.55 -3.56
CA ASP A 93 20.95 -8.65 -4.37
C ASP A 93 19.82 -9.64 -4.64
N ILE A 94 20.07 -10.58 -5.54
CA ILE A 94 19.03 -11.53 -5.98
C ILE A 94 19.85 -12.81 -6.22
N VAL A 95 19.45 -13.88 -5.57
CA VAL A 95 20.23 -15.17 -5.60
C VAL A 95 19.31 -16.33 -5.81
N ARG A 96 19.83 -17.48 -6.17
CA ARG A 96 18.97 -18.65 -6.18
C ARG A 96 19.75 -19.92 -5.90
N ASP A 97 19.01 -20.92 -5.45
CA ASP A 97 19.49 -22.26 -5.18
C ASP A 97 19.63 -22.99 -6.51
N GLN A 98 20.81 -23.61 -6.65
CA GLN A 98 21.26 -24.14 -7.91
C GLN A 98 20.36 -25.36 -8.28
N HIS A 99 20.18 -26.27 -7.34
CA HIS A 99 19.39 -27.44 -7.62
C HIS A 99 17.89 -27.20 -7.81
N SER A 100 17.24 -26.42 -6.92
CA SER A 100 15.79 -26.24 -6.98
C SER A 100 15.43 -25.00 -7.79
N LYS A 101 16.38 -24.10 -7.94
CA LYS A 101 16.14 -22.79 -8.62
C LYS A 101 15.27 -21.86 -7.84
N THR A 102 15.07 -22.15 -6.55
CA THR A 102 14.30 -21.26 -5.67
C THR A 102 15.02 -19.93 -5.54
N PRO A 103 14.36 -18.82 -5.91
CA PRO A 103 15.00 -17.54 -5.78
C PRO A 103 14.79 -16.82 -4.43
N SER A 104 15.78 -16.05 -4.03
CA SER A 104 15.73 -15.23 -2.81
C SER A 104 16.06 -13.83 -3.19
N LEU A 105 15.25 -12.89 -2.68
CA LEU A 105 15.59 -11.48 -2.81
C LEU A 105 16.23 -11.02 -1.52
N ILE A 106 17.32 -10.26 -1.65
CA ILE A 106 18.06 -9.81 -0.48
C ILE A 106 17.93 -8.30 -0.32
N PHE A 107 17.42 -7.91 0.85
CA PHE A 107 17.17 -6.47 1.18
C PHE A 107 18.05 -5.95 2.29
N GLU A 108 18.25 -4.64 2.36
CA GLU A 108 18.79 -3.97 3.56
C GLU A 108 17.91 -4.37 4.76
N TYR A 109 18.53 -4.52 5.94
CA TYR A 109 17.78 -4.99 7.08
C TYR A 109 16.88 -3.90 7.63
N VAL A 110 15.65 -4.24 7.99
CA VAL A 110 14.84 -3.27 8.79
C VAL A 110 14.33 -3.96 10.03
N ASN A 111 14.44 -3.25 11.16
CA ASN A 111 14.19 -3.76 12.54
C ASN A 111 12.82 -3.37 13.02
N ASN A 112 11.82 -4.04 12.46
CA ASN A 112 10.37 -3.74 12.67
C ASN A 112 9.76 -4.20 13.99
N THR A 113 8.75 -3.45 14.42
CA THR A 113 7.90 -3.75 15.51
C THR A 113 6.48 -4.10 15.09
N ASP A 114 5.96 -5.32 15.41
CA ASP A 114 4.55 -5.80 15.17
C ASP A 114 3.53 -4.66 15.27
N PHE A 115 2.91 -4.29 14.18
CA PHE A 115 1.97 -3.15 14.20
C PHE A 115 0.85 -3.34 15.22
N LYS A 116 0.45 -4.59 15.51
CA LYS A 116 -0.71 -4.78 16.37
C LYS A 116 -0.37 -4.37 17.80
N VAL A 117 0.90 -4.40 18.13
CA VAL A 117 1.35 -3.97 19.49
C VAL A 117 1.85 -2.52 19.44
N LEU A 118 2.41 -2.10 18.32
CA LEU A 118 2.92 -0.71 18.21
C LEU A 118 1.81 0.28 18.12
N TYR A 119 0.85 0.03 17.23
CA TYR A 119 -0.12 1.15 16.99
C TYR A 119 -0.86 1.63 18.24
N PRO A 120 -1.29 0.76 19.19
CA PRO A 120 -1.91 1.26 20.44
C PRO A 120 -1.03 2.22 21.22
N THR A 121 0.29 2.23 20.98
CA THR A 121 1.15 3.06 21.81
C THR A 121 1.56 4.37 21.12
N LEU A 122 1.21 4.50 19.84
CA LEU A 122 1.59 5.71 19.09
C LEU A 122 0.84 6.94 19.62
N THR A 123 1.52 8.04 19.78
CA THR A 123 0.82 9.25 20.17
C THR A 123 0.18 9.91 18.93
N ASP A 124 -0.63 10.93 19.14
CA ASP A 124 -1.22 11.62 17.96
C ASP A 124 -0.05 12.11 17.05
N TYR A 125 1.00 12.73 17.61
CA TYR A 125 2.09 13.19 16.77
C TYR A 125 2.78 12.03 15.98
N ASP A 126 3.08 10.89 16.66
CA ASP A 126 3.61 9.78 15.98
C ASP A 126 2.73 9.31 14.79
N ILE A 127 1.41 9.31 14.91
CA ILE A 127 0.55 8.92 13.78
C ILE A 127 0.81 9.91 12.62
N ARG A 128 0.85 11.18 12.96
CA ARG A 128 1.04 12.16 11.87
C ARG A 128 2.40 11.99 11.21
N TYR A 129 3.41 11.71 12.03
CA TYR A 129 4.74 11.56 11.54
C TYR A 129 4.90 10.29 10.62
N TYR A 130 4.44 9.13 11.11
CA TYR A 130 4.60 7.92 10.28
C TYR A 130 3.76 7.93 9.03
N ILE A 131 2.57 8.49 9.14
CA ILE A 131 1.69 8.58 7.89
C ILE A 131 2.40 9.53 6.89
N TYR A 132 2.99 10.64 7.38
CA TYR A 132 3.78 11.51 6.44
C TYR A 132 4.92 10.79 5.77
N GLU A 133 5.61 9.92 6.54
CA GLU A 133 6.76 9.22 6.00
C GLU A 133 6.27 8.19 4.94
N LEU A 134 5.15 7.57 5.21
CA LEU A 134 4.56 6.64 4.24
C LEU A 134 4.10 7.38 2.97
N LEU A 135 3.54 8.56 3.14
CA LEU A 135 3.19 9.37 1.96
C LEU A 135 4.40 9.73 1.16
N LYS A 136 5.58 9.98 1.74
CA LYS A 136 6.79 10.23 0.95
C LYS A 136 7.05 9.04 0.03
N ALA A 137 6.88 7.80 0.52
CA ALA A 137 7.16 6.66 -0.25
C ALA A 137 6.16 6.51 -1.41
N LEU A 138 4.89 6.81 -1.09
CA LEU A 138 3.79 6.66 -2.13
C LEU A 138 3.98 7.76 -3.20
N ASP A 139 4.26 9.00 -2.80
CA ASP A 139 4.42 9.98 -3.85
C ASP A 139 5.63 9.62 -4.68
N TYR A 140 6.71 9.11 -4.05
CA TYR A 140 7.84 8.72 -4.86
C TYR A 140 7.46 7.63 -5.83
N CYS A 141 6.88 6.50 -5.37
CA CYS A 141 6.64 5.46 -6.33
C CYS A 141 5.65 5.93 -7.46
N HIS A 142 4.62 6.67 -7.07
CA HIS A 142 3.68 7.15 -8.11
C HIS A 142 4.45 8.04 -9.11
N SER A 143 5.36 8.88 -8.58
CA SER A 143 6.15 9.76 -9.51
C SER A 143 7.05 9.00 -10.46
N GLN A 144 7.35 7.73 -10.07
CA GLN A 144 8.13 6.87 -10.90
C GLN A 144 7.29 5.88 -11.67
N GLY A 145 5.99 6.18 -11.79
CA GLY A 145 5.11 5.39 -12.68
C GLY A 145 4.64 4.06 -12.14
N ILE A 146 4.72 3.94 -10.79
CA ILE A 146 4.40 2.64 -10.15
C ILE A 146 3.27 2.76 -9.11
N MET A 147 2.32 1.81 -9.12
CA MET A 147 1.31 1.69 -8.06
C MET A 147 1.74 0.55 -7.17
N HIS A 148 1.64 0.70 -5.84
CA HIS A 148 2.03 -0.38 -4.97
C HIS A 148 1.00 -1.51 -4.93
N ARG A 149 -0.24 -1.11 -4.78
CA ARG A 149 -1.42 -2.00 -4.86
C ARG A 149 -1.54 -3.03 -3.70
N ASP A 150 -0.79 -2.79 -2.59
CA ASP A 150 -0.99 -3.63 -1.41
C ASP A 150 -0.56 -2.82 -0.18
N VAL A 151 -0.99 -1.58 -0.11
CA VAL A 151 -0.70 -0.79 1.13
C VAL A 151 -1.60 -1.31 2.24
N LYS A 152 -0.96 -1.69 3.38
CA LYS A 152 -1.66 -2.15 4.63
C LYS A 152 -0.53 -2.10 5.71
N PRO A 153 -0.95 -2.16 6.98
CA PRO A 153 0.08 -2.07 8.08
C PRO A 153 1.12 -3.15 8.00
N HIS A 154 0.78 -4.35 7.57
CA HIS A 154 1.70 -5.43 7.43
C HIS A 154 2.87 -5.18 6.46
N ASN A 155 2.64 -4.24 5.53
CA ASN A 155 3.68 -3.88 4.56
C ASN A 155 4.32 -2.56 4.83
N VAL A 156 4.14 -2.07 6.04
CA VAL A 156 4.81 -0.82 6.44
C VAL A 156 5.74 -1.18 7.65
N MET A 157 7.01 -1.39 7.40
CA MET A 157 7.87 -1.71 8.56
C MET A 157 8.26 -0.44 9.31
N ILE A 158 8.05 -0.44 10.66
CA ILE A 158 8.40 0.71 11.52
C ILE A 158 9.34 0.22 12.60
N ASP A 159 10.51 0.86 12.61
CA ASP A 159 11.42 0.71 13.80
C ASP A 159 11.16 1.90 14.73
N HIS A 160 10.31 1.73 15.79
CA HIS A 160 9.83 2.89 16.55
C HIS A 160 10.89 3.57 17.37
N GLU A 161 11.87 2.77 17.77
CA GLU A 161 13.00 3.36 18.54
C GLU A 161 13.75 4.33 17.65
N LEU A 162 13.96 3.93 16.39
CA LEU A 162 14.69 4.83 15.46
C LEU A 162 13.81 5.75 14.58
N ARG A 163 12.48 5.65 14.77
CA ARG A 163 11.51 6.41 13.98
C ARG A 163 11.77 6.27 12.48
N LYS A 164 11.97 5.03 12.07
CA LYS A 164 12.27 4.81 10.65
C LYS A 164 11.15 3.93 10.08
N LEU A 165 10.74 4.28 8.87
CA LEU A 165 9.68 3.52 8.18
C LEU A 165 10.17 3.05 6.79
N ARG A 166 9.74 1.82 6.35
CA ARG A 166 10.01 1.38 4.95
C ARG A 166 8.71 0.71 4.42
N LEU A 167 8.38 1.05 3.17
CA LEU A 167 7.22 0.39 2.47
C LEU A 167 7.82 -0.80 1.76
N ILE A 168 7.29 -1.97 2.16
CA ILE A 168 7.86 -3.27 1.67
C ILE A 168 6.80 -4.02 0.84
N ASP A 169 7.21 -5.19 0.36
CA ASP A 169 6.39 -6.15 -0.45
C ASP A 169 5.79 -5.54 -1.69
N TRP A 170 6.70 -5.38 -2.64
CA TRP A 170 6.32 -4.82 -3.93
C TRP A 170 5.88 -5.97 -4.90
N GLY A 171 5.49 -7.10 -4.34
CA GLY A 171 5.06 -8.24 -5.19
C GLY A 171 3.77 -8.06 -5.96
N LEU A 172 2.92 -7.12 -5.55
CA LEU A 172 1.66 -6.82 -6.24
C LEU A 172 1.72 -5.52 -7.02
N ALA A 173 2.84 -4.84 -7.00
CA ALA A 173 2.94 -3.54 -7.65
C ALA A 173 3.01 -3.63 -9.18
N GLU A 174 2.58 -2.56 -9.84
CA GLU A 174 2.48 -2.56 -11.33
C GLU A 174 2.84 -1.17 -11.83
N PHE A 175 3.27 -1.17 -13.10
CA PHE A 175 3.49 0.12 -13.77
C PHE A 175 2.16 0.65 -14.29
N TYR A 176 2.01 1.97 -14.14
CA TYR A 176 0.78 2.65 -14.62
C TYR A 176 0.94 3.05 -16.10
N HIS A 177 -0.06 2.63 -16.90
CA HIS A 177 -0.11 3.08 -18.32
C HIS A 177 -1.53 3.57 -18.51
N PRO A 178 -1.70 4.78 -19.12
CA PRO A 178 -3.04 5.37 -19.26
C PRO A 178 -3.91 4.46 -20.07
N GLY A 179 -5.08 4.19 -19.47
CA GLY A 179 -6.18 3.37 -20.11
C GLY A 179 -6.03 1.88 -19.92
N LYS A 180 -4.91 1.42 -19.35
CA LYS A 180 -4.76 -0.01 -19.17
C LYS A 180 -5.78 -0.58 -18.18
N GLU A 181 -6.29 -1.75 -18.49
CA GLU A 181 -7.25 -2.41 -17.62
CA GLU A 181 -7.23 -2.45 -17.65
C GLU A 181 -6.42 -3.41 -16.79
N TYR A 182 -6.42 -3.21 -15.47
CA TYR A 182 -5.63 -4.04 -14.53
C TYR A 182 -6.51 -5.10 -13.87
N ASN A 183 -5.87 -6.11 -13.36
CA ASN A 183 -6.54 -7.14 -12.51
C ASN A 183 -7.04 -6.44 -11.24
N VAL A 184 -8.28 -6.66 -10.87
CA VAL A 184 -8.75 -6.11 -9.59
C VAL A 184 -8.44 -7.00 -8.39
N ARG A 185 -7.85 -8.18 -8.61
CA ARG A 185 -7.54 -9.06 -7.48
C ARG A 185 -6.19 -8.69 -6.92
N VAL A 186 -6.18 -7.47 -6.33
CA VAL A 186 -4.99 -6.97 -5.69
C VAL A 186 -5.40 -6.39 -4.33
N ALA A 187 -4.41 -5.96 -3.57
CA ALA A 187 -4.57 -5.52 -2.16
C ALA A 187 -5.19 -6.55 -1.24
N SER A 188 -5.17 -6.25 0.01
CA SER A 188 -5.73 -7.10 1.09
CA SER A 188 -5.71 -7.17 0.92
C SER A 188 -7.16 -6.69 1.20
N ARG A 189 -8.13 -7.64 1.44
CA ARG A 189 -9.57 -7.22 1.43
C ARG A 189 -9.91 -5.91 2.17
N TYR A 190 -9.38 -5.79 3.41
CA TYR A 190 -9.78 -4.64 4.26
C TYR A 190 -9.29 -3.34 3.66
N PHE A 191 -8.33 -3.39 2.73
CA PHE A 191 -7.75 -2.18 2.12
C PHE A 191 -8.09 -2.03 0.67
N LYS A 192 -9.02 -2.85 0.17
CA LYS A 192 -9.36 -2.73 -1.25
C LYS A 192 -10.24 -1.50 -1.46
N GLY A 193 -9.88 -0.73 -2.48
CA GLY A 193 -10.78 0.40 -2.84
C GLY A 193 -12.06 -0.02 -3.51
N PRO A 194 -13.03 0.87 -3.50
CA PRO A 194 -14.28 0.60 -4.19
C PRO A 194 -14.11 0.21 -5.69
N GLU A 195 -13.14 0.83 -6.36
CA GLU A 195 -12.83 0.45 -7.76
C GLU A 195 -12.60 -1.07 -7.88
N LEU A 196 -11.92 -1.67 -6.94
CA LEU A 196 -11.63 -3.12 -7.07
C LEU A 196 -12.89 -3.89 -6.85
N LEU A 197 -13.70 -3.38 -5.92
CA LEU A 197 -14.88 -4.09 -5.44
C LEU A 197 -16.06 -3.99 -6.43
N VAL A 198 -15.98 -3.02 -7.35
CA VAL A 198 -17.06 -2.89 -8.33
C VAL A 198 -16.55 -3.21 -9.73
N ASP A 199 -15.32 -3.72 -9.85
CA ASP A 199 -14.71 -4.18 -11.10
C ASP A 199 -14.40 -3.09 -12.09
N LEU A 200 -13.98 -1.92 -11.57
CA LEU A 200 -13.47 -0.84 -12.42
C LEU A 200 -11.99 -1.15 -12.60
N GLN A 201 -11.60 -1.60 -13.77
CA GLN A 201 -10.26 -2.09 -14.00
C GLN A 201 -9.27 -1.00 -14.39
N ASP A 202 -9.77 0.14 -14.88
CA ASP A 202 -8.82 1.15 -15.35
C ASP A 202 -8.55 2.14 -14.24
N TYR A 203 -8.04 1.55 -13.17
CA TYR A 203 -7.69 2.36 -11.97
C TYR A 203 -6.24 2.85 -12.02
N ASP A 204 -5.84 3.56 -10.98
CA ASP A 204 -4.51 4.18 -11.02
C ASP A 204 -3.92 4.35 -9.61
N TYR A 205 -2.88 5.15 -9.53
CA TYR A 205 -2.21 5.39 -8.22
C TYR A 205 -3.19 5.68 -7.12
N SER A 206 -4.32 6.32 -7.38
CA SER A 206 -5.27 6.67 -6.35
C SER A 206 -5.82 5.48 -5.54
N LEU A 207 -5.69 4.26 -6.10
CA LEU A 207 -6.01 3.05 -5.32
C LEU A 207 -5.21 3.06 -4.00
N ASP A 208 -3.94 3.43 -4.06
CA ASP A 208 -3.04 3.37 -2.87
C ASP A 208 -3.50 4.38 -1.82
N MET A 209 -4.13 5.46 -2.34
CA MET A 209 -4.66 6.49 -1.38
C MET A 209 -5.93 6.05 -0.64
N TRP A 210 -6.76 5.20 -1.23
CA TRP A 210 -7.85 4.62 -0.48
C TRP A 210 -7.23 3.70 0.60
N SER A 211 -6.28 2.82 0.22
CA SER A 211 -5.69 1.89 1.20
C SER A 211 -5.06 2.65 2.35
N LEU A 212 -4.31 3.75 2.04
CA LEU A 212 -3.76 4.64 3.04
CA LEU A 212 -3.75 4.57 3.11
C LEU A 212 -4.83 5.18 3.98
N GLY A 213 -5.94 5.64 3.42
CA GLY A 213 -7.06 6.24 4.22
C GLY A 213 -7.63 5.13 5.14
N CYS A 214 -7.68 3.84 4.68
CA CYS A 214 -8.23 2.77 5.58
C CYS A 214 -7.25 2.58 6.72
N MET A 215 -5.94 2.58 6.43
CA MET A 215 -4.90 2.48 7.51
C MET A 215 -5.06 3.63 8.48
N PHE A 216 -5.15 4.85 7.98
CA PHE A 216 -5.24 6.04 8.82
C PHE A 216 -6.51 6.00 9.66
N ALA A 217 -7.64 5.65 9.07
CA ALA A 217 -8.86 5.51 9.85
C ALA A 217 -8.70 4.55 10.98
N GLY A 218 -8.12 3.40 10.69
CA GLY A 218 -7.81 2.38 11.72
C GLY A 218 -6.97 2.96 12.84
N MET A 219 -5.97 3.79 12.54
CA MET A 219 -5.09 4.34 13.56
C MET A 219 -5.84 5.37 14.41
N ILE A 220 -6.53 6.32 13.78
CA ILE A 220 -7.11 7.39 14.64
C ILE A 220 -8.31 6.97 15.34
N PHE A 221 -9.06 6.00 14.80
CA PHE A 221 -10.24 5.46 15.55
C PHE A 221 -9.97 4.26 16.39
N ARG A 222 -8.74 3.73 16.32
CA ARG A 222 -8.32 2.53 17.10
C ARG A 222 -9.32 1.39 16.79
N LYS A 223 -9.48 1.13 15.49
CA LYS A 223 -10.44 0.11 15.02
C LYS A 223 -9.74 -0.61 13.87
N GLU A 224 -9.23 -1.82 14.17
CA GLU A 224 -8.28 -2.53 13.32
C GLU A 224 -8.99 -3.85 12.84
N PRO A 225 -9.28 -4.00 11.55
CA PRO A 225 -9.22 -2.93 10.51
C PRO A 225 -10.50 -2.14 10.61
N PHE A 226 -10.49 -0.98 9.92
CA PHE A 226 -11.58 -0.10 9.97
C PHE A 226 -12.84 -0.63 9.28
N PHE A 227 -12.66 -1.18 8.06
CA PHE A 227 -13.80 -1.73 7.26
C PHE A 227 -13.57 -3.23 7.26
N TYR A 228 -14.38 -3.90 8.08
CA TYR A 228 -14.13 -5.34 8.41
C TYR A 228 -15.09 -6.28 7.69
N GLY A 229 -14.85 -6.45 6.40
CA GLY A 229 -15.66 -7.32 5.59
C GLY A 229 -15.10 -8.73 5.61
N HIS A 230 -16.01 -9.70 5.47
CA HIS A 230 -15.60 -11.10 5.47
CA HIS A 230 -15.61 -11.09 5.45
C HIS A 230 -15.31 -11.66 4.07
N ASP A 231 -15.85 -11.07 3.01
CA ASP A 231 -15.50 -11.43 1.60
C ASP A 231 -15.64 -10.16 0.77
N ASN A 232 -15.34 -10.19 -0.53
CA ASN A 232 -15.31 -8.94 -1.30
C ASN A 232 -16.65 -8.25 -1.38
N HIS A 233 -17.73 -9.03 -1.39
CA HIS A 233 -19.03 -8.39 -1.40
C HIS A 233 -19.33 -7.70 -0.10
N ASP A 234 -19.06 -8.39 1.01
CA ASP A 234 -19.28 -7.85 2.32
C ASP A 234 -18.42 -6.60 2.53
N GLN A 235 -17.23 -6.60 1.96
CA GLN A 235 -16.31 -5.40 2.03
C GLN A 235 -17.00 -4.17 1.46
N LEU A 236 -17.62 -4.31 0.29
CA LEU A 236 -18.34 -3.10 -0.26
C LEU A 236 -19.50 -2.70 0.65
N VAL A 237 -20.25 -3.68 1.19
CA VAL A 237 -21.29 -3.39 2.15
C VAL A 237 -20.76 -2.59 3.33
N LYS A 238 -19.64 -3.02 3.93
CA LYS A 238 -19.08 -2.31 5.12
C LYS A 238 -18.71 -0.86 4.76
N ILE A 239 -18.17 -0.64 3.56
CA ILE A 239 -17.90 0.70 3.10
C ILE A 239 -19.24 1.49 2.92
N ALA A 240 -20.18 0.88 2.25
CA ALA A 240 -21.46 1.61 1.92
C ALA A 240 -22.20 1.98 3.20
N LYS A 241 -22.13 1.14 4.23
CA LYS A 241 -22.76 1.52 5.51
C LYS A 241 -22.10 2.74 6.20
N VAL A 242 -20.91 3.20 5.73
CA VAL A 242 -20.25 4.36 6.36
C VAL A 242 -20.42 5.51 5.38
N LEU A 243 -19.99 5.30 4.13
CA LEU A 243 -20.02 6.41 3.17
C LEU A 243 -21.43 6.73 2.62
N GLY A 244 -22.38 5.77 2.75
CA GLY A 244 -23.79 5.88 2.25
C GLY A 244 -23.90 5.45 0.79
N THR A 245 -25.09 5.03 0.37
CA THR A 245 -25.33 4.49 -0.98
C THR A 245 -25.58 5.57 -2.04
N ASP A 246 -25.90 6.77 -1.59
CA ASP A 246 -26.12 7.86 -2.55
C ASP A 246 -24.86 8.16 -3.32
N GLY A 247 -23.75 8.25 -2.58
CA GLY A 247 -22.42 8.53 -3.14
C GLY A 247 -22.03 7.36 -4.03
N LEU A 248 -22.44 6.14 -3.62
CA LEU A 248 -22.09 4.98 -4.43
C LEU A 248 -22.79 5.00 -5.80
N ASN A 249 -24.08 5.32 -5.77
CA ASN A 249 -24.78 5.40 -7.02
C ASN A 249 -24.26 6.49 -7.93
N VAL A 250 -23.88 7.62 -7.35
CA VAL A 250 -23.29 8.67 -8.18
C VAL A 250 -22.04 8.19 -8.89
N TYR A 251 -21.16 7.56 -8.09
CA TYR A 251 -19.89 6.98 -8.61
C TYR A 251 -20.19 5.97 -9.75
N LEU A 252 -21.10 5.03 -9.49
CA LEU A 252 -21.37 3.96 -10.43
C LEU A 252 -21.89 4.57 -11.75
N ASN A 253 -22.80 5.55 -11.62
CA ASN A 253 -23.31 6.21 -12.82
C ASN A 253 -22.25 6.96 -13.64
N LYS A 254 -21.30 7.62 -12.95
CA LYS A 254 -20.24 8.40 -13.60
C LYS A 254 -19.36 7.49 -14.44
N TYR A 255 -18.96 6.33 -13.88
CA TYR A 255 -18.15 5.36 -14.64
C TYR A 255 -18.92 4.26 -15.35
N ARG A 256 -20.25 4.40 -15.39
CA ARG A 256 -21.13 3.53 -16.17
C ARG A 256 -20.85 2.09 -15.82
N ILE A 257 -20.92 1.83 -14.52
CA ILE A 257 -20.73 0.49 -13.98
C ILE A 257 -22.07 0.06 -13.40
N GLU A 258 -22.47 -1.17 -13.67
CA GLU A 258 -23.57 -1.73 -12.90
C GLU A 258 -23.07 -2.82 -12.03
N LEU A 259 -23.58 -2.82 -10.81
CA LEU A 259 -23.30 -3.91 -9.86
C LEU A 259 -23.92 -5.21 -10.26
N ASP A 260 -23.28 -6.32 -9.90
CA ASP A 260 -23.90 -7.64 -10.11
C ASP A 260 -25.19 -7.59 -9.26
N PRO A 261 -26.31 -8.10 -9.80
CA PRO A 261 -27.50 -8.00 -8.97
C PRO A 261 -27.38 -8.52 -7.53
N GLN A 262 -26.58 -9.54 -7.30
CA GLN A 262 -26.49 -10.06 -5.91
C GLN A 262 -25.80 -9.05 -5.00
N LEU A 263 -24.82 -8.36 -5.60
CA LEU A 263 -24.03 -7.40 -4.86
C LEU A 263 -24.92 -6.19 -4.60
N GLU A 264 -25.64 -5.76 -5.65
CA GLU A 264 -26.63 -4.71 -5.48
C GLU A 264 -27.59 -5.06 -4.32
N ALA A 265 -28.11 -6.29 -4.32
CA ALA A 265 -29.07 -6.66 -3.28
C ALA A 265 -28.42 -6.58 -1.88
N LEU A 266 -27.16 -6.99 -1.75
CA LEU A 266 -26.51 -7.01 -0.42
C LEU A 266 -26.23 -5.61 0.14
N VAL A 267 -25.94 -4.70 -0.76
CA VAL A 267 -25.51 -3.36 -0.37
C VAL A 267 -26.70 -2.61 0.21
N GLY A 268 -27.89 -2.79 -0.37
CA GLY A 268 -29.11 -2.16 0.14
C GLY A 268 -29.02 -0.66 0.05
N ARG A 269 -29.49 0.02 1.09
CA ARG A 269 -29.66 1.48 1.09
C ARG A 269 -29.16 1.95 2.43
N HIS A 270 -28.26 2.95 2.45
CA HIS A 270 -27.67 3.41 3.68
C HIS A 270 -27.41 4.89 3.58
N SER A 271 -27.74 5.59 4.66
CA SER A 271 -27.36 6.97 4.76
C SER A 271 -25.85 7.11 5.04
N ARG A 272 -25.29 8.27 4.69
CA ARG A 272 -23.92 8.55 5.08
C ARG A 272 -23.78 8.75 6.59
N LYS A 273 -22.91 8.01 7.23
CA LYS A 273 -22.61 8.27 8.64
C LYS A 273 -21.55 9.36 8.72
N PRO A 274 -21.67 10.28 9.71
CA PRO A 274 -20.64 11.26 9.97
C PRO A 274 -19.45 10.60 10.65
N TRP A 275 -18.20 10.96 10.28
CA TRP A 275 -16.95 10.46 10.92
C TRP A 275 -16.87 10.52 12.45
N LEU A 276 -17.60 11.47 13.04
CA LEU A 276 -17.63 11.54 14.48
C LEU A 276 -18.45 10.48 15.14
N LYS A 277 -19.32 9.80 14.40
CA LYS A 277 -19.97 8.61 14.98
C LYS A 277 -18.93 7.61 15.56
N PHE A 278 -17.69 7.64 15.09
CA PHE A 278 -16.65 6.68 15.54
C PHE A 278 -15.78 7.01 16.71
N MET A 279 -15.86 8.25 17.23
CA MET A 279 -14.90 8.64 18.29
C MET A 279 -15.47 8.09 19.60
N ASN A 280 -14.55 7.66 20.43
CA ASN A 280 -14.94 7.18 21.76
C ASN A 280 -13.75 7.44 22.72
N ALA A 281 -13.82 6.89 23.92
CA ALA A 281 -12.86 7.25 24.98
C ALA A 281 -11.40 6.85 24.71
N ASP A 282 -11.20 5.69 24.08
CA ASP A 282 -9.89 5.10 23.88
C ASP A 282 -9.08 5.90 22.82
N ASN A 283 -9.78 6.62 21.94
CA ASN A 283 -9.14 7.15 20.70
C ASN A 283 -9.20 8.61 20.69
N GLN A 284 -9.88 9.20 21.70
CA GLN A 284 -10.37 10.56 21.65
C GLN A 284 -9.18 11.53 21.47
N HIS A 285 -8.06 11.25 22.23
CA HIS A 285 -6.87 12.14 22.05
C HIS A 285 -6.28 12.16 20.60
N LEU A 286 -6.66 11.23 19.75
CA LEU A 286 -6.08 11.19 18.40
C LEU A 286 -7.02 11.77 17.35
N VAL A 287 -8.24 11.94 17.74
CA VAL A 287 -9.24 12.42 16.72
C VAL A 287 -9.57 14.01 16.72
N SER A 288 -9.33 14.67 15.67
CA SER A 288 -9.36 16.19 15.67
C SER A 288 -10.07 16.64 14.34
N PRO A 289 -10.61 17.90 14.21
CA PRO A 289 -11.18 18.24 12.90
C PRO A 289 -10.13 18.10 11.77
N GLU A 290 -8.81 18.32 12.05
CA GLU A 290 -7.83 18.22 10.95
C GLU A 290 -7.70 16.76 10.49
N ALA A 291 -7.78 15.84 11.45
CA ALA A 291 -7.68 14.40 11.12
C ALA A 291 -8.88 14.00 10.34
N ILE A 292 -10.11 14.37 10.77
CA ILE A 292 -11.26 14.04 10.04
C ILE A 292 -11.25 14.66 8.65
N ASP A 293 -10.92 15.93 8.54
CA ASP A 293 -10.83 16.54 7.25
C ASP A 293 -9.91 15.81 6.26
N PHE A 294 -8.74 15.50 6.78
CA PHE A 294 -7.71 14.73 5.99
C PHE A 294 -8.32 13.34 5.59
N LEU A 295 -8.84 12.61 6.60
CA LEU A 295 -9.49 11.29 6.32
C LEU A 295 -10.60 11.38 5.29
N ASP A 296 -11.50 12.39 5.41
CA ASP A 296 -12.64 12.49 4.51
C ASP A 296 -12.17 12.68 3.06
N LYS A 297 -10.99 13.31 2.92
CA LYS A 297 -10.46 13.61 1.57
C LYS A 297 -9.74 12.45 0.96
N LEU A 298 -9.50 11.36 1.72
CA LEU A 298 -8.90 10.13 1.21
C LEU A 298 -9.99 9.11 0.92
N LEU A 299 -10.92 8.90 1.88
CA LEU A 299 -11.98 7.87 1.72
C LEU A 299 -13.18 8.39 0.91
N ARG A 300 -12.97 8.53 -0.40
CA ARG A 300 -14.05 8.95 -1.36
C ARG A 300 -14.23 7.74 -2.30
N TYR A 301 -15.46 7.41 -2.63
CA TYR A 301 -15.63 6.38 -3.64
C TYR A 301 -14.90 6.69 -4.92
N ASP A 302 -15.10 7.93 -5.41
CA ASP A 302 -14.53 8.26 -6.66
C ASP A 302 -13.03 8.49 -6.53
N HIS A 303 -12.32 7.55 -7.14
CA HIS A 303 -10.84 7.59 -7.07
C HIS A 303 -10.26 8.90 -7.60
N GLN A 304 -10.94 9.51 -8.55
CA GLN A 304 -10.48 10.81 -9.08
C GLN A 304 -10.60 11.96 -8.10
N GLU A 305 -11.43 11.81 -7.08
CA GLU A 305 -11.64 12.89 -6.11
C GLU A 305 -10.68 12.79 -4.93
N ARG A 306 -9.96 11.66 -4.74
CA ARG A 306 -9.13 11.52 -3.54
C ARG A 306 -7.90 12.44 -3.68
N LEU A 307 -7.39 12.84 -2.52
CA LEU A 307 -6.07 13.54 -2.55
C LEU A 307 -5.04 12.67 -3.21
N THR A 308 -4.17 13.30 -3.98
CA THR A 308 -2.90 12.66 -4.38
C THR A 308 -1.92 12.57 -3.19
N ALA A 309 -0.88 11.73 -3.30
CA ALA A 309 0.00 11.66 -2.14
C ALA A 309 0.71 12.98 -1.93
N LEU A 310 1.04 13.72 -3.01
CA LEU A 310 1.75 15.04 -2.83
C LEU A 310 0.76 16.04 -2.19
N GLU A 311 -0.52 16.04 -2.59
CA GLU A 311 -1.51 16.91 -1.90
C GLU A 311 -1.66 16.52 -0.45
N ALA A 312 -1.68 15.22 -0.17
CA ALA A 312 -1.86 14.78 1.23
C ALA A 312 -0.72 15.31 2.10
N MET A 313 0.51 15.23 1.58
CA MET A 313 1.68 15.72 2.38
C MET A 313 1.55 17.16 2.78
N THR A 314 0.83 17.97 1.98
CA THR A 314 0.70 19.43 2.25
C THR A 314 -0.53 19.74 3.09
N HIS A 315 -1.35 18.75 3.45
CA HIS A 315 -2.52 19.06 4.21
C HIS A 315 -2.07 19.61 5.58
N PRO A 316 -2.86 20.56 6.10
CA PRO A 316 -2.42 21.13 7.42
C PRO A 316 -2.37 20.13 8.55
N TYR A 317 -3.05 18.98 8.44
CA TYR A 317 -2.85 18.01 9.50
C TYR A 317 -1.37 17.77 9.77
N PHE A 318 -0.52 17.78 8.73
CA PHE A 318 0.93 17.52 8.85
C PHE A 318 1.84 18.72 9.12
N GLN A 319 1.21 19.88 9.41
CA GLN A 319 2.02 21.10 9.52
C GLN A 319 3.22 21.00 10.48
N GLN A 320 3.00 20.32 11.59
CA GLN A 320 4.06 20.22 12.56
C GLN A 320 5.21 19.29 12.11
N VAL A 321 4.85 18.20 11.43
CA VAL A 321 5.82 17.31 10.85
C VAL A 321 6.69 18.02 9.79
N ARG A 322 6.04 18.83 8.96
CA ARG A 322 6.77 19.60 7.96
C ARG A 322 7.69 20.61 8.65
N ALA A 323 7.16 21.28 9.67
CA ALA A 323 7.95 22.35 10.32
C ALA A 323 9.17 21.73 10.96
N ALA A 324 9.02 20.50 11.49
CA ALA A 324 10.11 19.85 12.20
C ALA A 324 11.17 19.40 11.22
N GLU A 325 10.73 18.98 10.05
CA GLU A 325 11.61 18.50 9.02
C GLU A 325 12.43 19.65 8.45
N ASN A 326 11.78 20.77 8.18
CA ASN A 326 12.48 21.98 7.72
C ASN A 326 13.73 22.36 8.56
N SER A 327 13.69 22.17 9.89
CA SER A 327 15.00 22.07 10.63
C SER A 327 15.34 20.68 11.25
#